data_8Q4U
#
_entry.id   8Q4U
#
_cell.length_a   40.100
_cell.length_b   103.290
_cell.length_c   42.160
_cell.angle_alpha   90.000
_cell.angle_beta   105.160
_cell.angle_gamma   90.000
#
_symmetry.space_group_name_H-M   'P 1 21 1'
#
loop_
_entity.id
_entity.type
_entity.pdbx_description
1 polymer 'YTH domain-containing protein 1'
2 non-polymer 9-[(3-chlorophenyl)methyl]-2-fluoranyl-~{N}-methyl-purin-6-amine
3 non-polymer 'SULFATE ION'
4 water water
#
_entity_poly.entity_id   1
_entity_poly.type   'polypeptide(L)'
_entity_poly.pdbx_seq_one_letter_code
;GTSKLKYVLQDARFFLIKSNNHENVSLAKAKGVWSTLPVNEKKLNLAFRSARSVILIFSVRESGKFQGFARLSSESHHGG
SPIHWVLPAGMSAKMLGGVFKIDWICRRELPFTKSAHLTNPWNEHKPVKIGRDGQEIELECGTQLCLLFPPDESIDLYQV
IHKMRH
;
_entity_poly.pdbx_strand_id   A,B
#
loop_
_chem_comp.id
_chem_comp.type
_chem_comp.name
_chem_comp.formula
JA0 non-polymer 9-[(3-chlorophenyl)methyl]-2-fluoranyl-~{N}-methyl-purin-6-amine 'C13 H11 Cl F N5'
SO4 non-polymer 'SULFATE ION' 'O4 S -2'
#
# COMPACT_ATOMS: atom_id res chain seq x y z
N GLY A 1 -6.75 1.71 -2.47
CA GLY A 1 -7.28 1.87 -1.12
C GLY A 1 -6.30 2.56 -0.19
N THR A 2 -6.71 2.77 1.06
CA THR A 2 -5.89 3.49 2.04
C THR A 2 -5.59 2.66 3.28
N SER A 3 -5.92 1.35 3.29
CA SER A 3 -5.73 0.59 4.52
C SER A 3 -4.26 0.34 4.84
N LYS A 4 -3.45 -0.01 3.84
CA LYS A 4 -2.03 -0.19 4.10
C LYS A 4 -1.38 1.13 4.53
N LEU A 5 -1.80 2.25 3.91
CA LEU A 5 -1.27 3.55 4.31
C LEU A 5 -1.58 3.83 5.77
N LYS A 6 -2.82 3.61 6.20
CA LYS A 6 -3.17 3.82 7.60
C LYS A 6 -2.34 2.92 8.51
N TYR A 7 -2.07 1.70 8.08
CA TYR A 7 -1.24 0.80 8.87
C TYR A 7 0.17 1.34 9.02
N VAL A 8 0.75 1.89 7.95
CA VAL A 8 2.10 2.45 8.02
C VAL A 8 2.13 3.65 8.96
N LEU A 9 1.07 4.45 8.97
CA LEU A 9 1.01 5.65 9.80
C LEU A 9 0.64 5.35 11.25
N GLN A 10 0.25 4.12 11.56
CA GLN A 10 -0.12 3.76 12.92
C GLN A 10 1.03 4.02 13.86
N ASP A 11 0.78 4.85 14.87
CA ASP A 11 1.76 5.15 15.91
C ASP A 11 3.05 5.74 15.34
N ALA A 12 2.99 6.33 14.16
CA ALA A 12 4.15 6.97 13.55
C ALA A 12 4.46 8.30 14.24
N ARG A 13 5.69 8.76 14.05
CA ARG A 13 6.06 10.13 14.31
C ARG A 13 6.24 10.90 13.00
N PHE A 14 5.95 12.19 13.03
CA PHE A 14 5.94 13.02 11.84
C PHE A 14 6.82 14.24 12.06
N PHE A 15 7.61 14.61 11.07
CA PHE A 15 8.43 15.81 11.10
C PHE A 15 8.30 16.61 9.81
N LEU A 16 8.16 17.92 9.94
CA LEU A 16 8.08 18.80 8.78
C LEU A 16 9.50 19.07 8.30
N ILE A 17 9.73 18.90 6.99
CA ILE A 17 11.01 19.19 6.38
C ILE A 17 10.83 20.38 5.46
N LYS A 18 11.62 21.43 5.65
CA LYS A 18 11.53 22.62 4.81
C LYS A 18 12.80 22.71 3.99
N SER A 19 12.66 22.63 2.66
CA SER A 19 13.80 22.74 1.77
C SER A 19 13.79 24.11 1.12
N ASN A 20 14.98 24.71 1.02
CA ASN A 20 15.07 26.03 0.40
C ASN A 20 14.89 25.99 -1.12
N ASN A 21 15.02 24.82 -1.74
CA ASN A 21 14.93 24.72 -3.20
C ASN A 21 14.24 23.43 -3.63
N HIS A 22 13.72 23.45 -4.87
CA HIS A 22 13.07 22.27 -5.41
C HIS A 22 14.08 21.21 -5.80
N GLU A 23 15.28 21.62 -6.20
CA GLU A 23 16.26 20.68 -6.72
C GLU A 23 16.58 19.59 -5.72
N ASN A 24 16.75 19.96 -4.45
CA ASN A 24 17.08 18.93 -3.46
C ASN A 24 15.92 17.99 -3.20
N VAL A 25 14.68 18.47 -3.29
CA VAL A 25 13.55 17.55 -3.12
C VAL A 25 13.46 16.60 -4.32
N SER A 26 13.74 17.11 -5.52
CA SER A 26 13.78 16.24 -6.68
CA SER A 26 13.78 16.23 -6.68
C SER A 26 14.87 15.19 -6.53
N LEU A 27 16.05 15.59 -6.05
CA LEU A 27 17.13 14.64 -5.84
C LEU A 27 16.71 13.59 -4.81
N ALA A 28 16.02 14.02 -3.75
CA ALA A 28 15.58 13.09 -2.72
C ALA A 28 14.58 12.08 -3.27
N LYS A 29 13.68 12.52 -4.14
CA LYS A 29 12.72 11.62 -4.77
C LYS A 29 13.40 10.63 -5.71
N ALA A 30 14.46 11.06 -6.39
CA ALA A 30 15.18 10.20 -7.31
C ALA A 30 16.03 9.17 -6.59
N LYS A 31 16.70 9.56 -5.51
CA LYS A 31 17.73 8.74 -4.89
C LYS A 31 17.30 8.12 -3.57
N GLY A 32 16.17 8.56 -3.00
CA GLY A 32 15.72 7.98 -1.75
C GLY A 32 16.58 8.38 -0.57
N VAL A 33 17.00 9.64 -0.52
CA VAL A 33 17.89 10.11 0.53
C VAL A 33 17.47 11.50 0.98
N TRP A 34 17.81 11.83 2.22
CA TRP A 34 17.64 13.19 2.68
C TRP A 34 18.76 13.53 3.65
N SER A 35 19.12 14.80 3.68
CA SER A 35 20.09 15.33 4.63
C SER A 35 19.58 16.63 5.21
N THR A 36 19.80 16.83 6.51
CA THR A 36 19.35 18.03 7.23
C THR A 36 20.51 18.54 8.09
N LEU A 37 20.26 19.68 8.76
CA LEU A 37 21.25 20.28 9.65
C LEU A 37 21.47 19.42 10.88
N PRO A 38 22.65 19.50 11.50
CA PRO A 38 22.97 18.59 12.62
C PRO A 38 21.96 18.58 13.76
N VAL A 39 21.34 19.72 14.07
CA VAL A 39 20.34 19.73 15.16
C VAL A 39 19.15 18.82 14.81
N ASN A 40 18.69 18.86 13.57
CA ASN A 40 17.56 18.00 13.19
C ASN A 40 18.01 16.57 12.96
N GLU A 41 19.25 16.38 12.50
CA GLU A 41 19.79 15.04 12.34
C GLU A 41 19.74 14.26 13.64
N LYS A 42 20.11 14.91 14.75
CA LYS A 42 20.06 14.23 16.04
C LYS A 42 18.64 13.87 16.43
N LYS A 43 17.68 14.78 16.18
CA LYS A 43 16.29 14.50 16.52
C LYS A 43 15.76 13.31 15.74
N LEU A 44 16.08 13.24 14.44
CA LEU A 44 15.56 12.16 13.61
C LEU A 44 16.17 10.81 13.98
N ASN A 45 17.45 10.79 14.34
CA ASN A 45 18.06 9.53 14.75
C ASN A 45 17.42 9.00 16.02
N LEU A 46 17.12 9.90 16.98
CA LEU A 46 16.41 9.49 18.19
C LEU A 46 15.01 8.98 17.86
N ALA A 47 14.32 9.66 16.95
CA ALA A 47 12.97 9.26 16.62
C ALA A 47 12.94 7.93 15.90
N PHE A 48 13.93 7.68 15.04
CA PHE A 48 13.99 6.42 14.30
C PHE A 48 14.00 5.21 15.23
N ARG A 49 14.71 5.31 16.36
CA ARG A 49 14.78 4.19 17.30
C ARG A 49 13.53 4.08 18.15
N SER A 50 12.73 5.14 18.24
CA SER A 50 11.63 5.25 19.18
C SER A 50 10.28 4.82 18.62
N ALA A 51 10.14 4.75 17.29
CA ALA A 51 8.82 4.61 16.70
C ALA A 51 8.87 3.60 15.57
N ARG A 52 7.70 2.97 15.31
CA ARG A 52 7.61 2.01 14.22
C ARG A 52 7.82 2.66 12.85
N SER A 53 7.43 3.93 12.70
CA SER A 53 7.64 4.67 11.46
C SER A 53 7.93 6.12 11.82
N VAL A 54 8.93 6.68 11.17
CA VAL A 54 9.20 8.12 11.22
C VAL A 54 8.94 8.68 9.84
N ILE A 55 8.01 9.64 9.75
CA ILE A 55 7.54 10.17 8.48
C ILE A 55 8.05 11.59 8.32
N LEU A 56 8.68 11.89 7.19
CA LEU A 56 9.09 13.24 6.82
C LEU A 56 8.09 13.77 5.81
N ILE A 57 7.56 14.96 6.07
CA ILE A 57 6.58 15.62 5.20
C ILE A 57 7.27 16.85 4.62
N PHE A 58 7.44 16.90 3.30
CA PHE A 58 8.34 17.85 2.68
C PHE A 58 7.62 19.07 2.16
N SER A 59 8.22 20.25 2.33
CA SER A 59 7.66 21.46 1.75
C SER A 59 8.80 22.36 1.28
N VAL A 60 8.78 22.72 -0.01
CA VAL A 60 9.75 23.65 -0.56
C VAL A 60 9.35 25.08 -0.20
N ARG A 61 10.29 25.83 0.37
CA ARG A 61 10.00 27.20 0.79
C ARG A 61 9.49 28.03 -0.39
N GLU A 62 8.45 28.82 -0.13
CA GLU A 62 7.76 29.71 -1.07
C GLU A 62 6.90 28.98 -2.09
N SER A 63 6.80 27.65 -2.04
CA SER A 63 6.00 26.94 -3.02
C SER A 63 4.51 26.95 -2.70
N GLY A 64 4.13 27.21 -1.45
CA GLY A 64 2.74 27.12 -1.06
C GLY A 64 2.18 25.71 -1.03
N LYS A 65 3.05 24.70 -1.01
CA LYS A 65 2.61 23.32 -1.12
C LYS A 65 3.54 22.43 -0.32
N PHE A 66 3.03 21.24 0.00
CA PHE A 66 3.88 20.12 0.36
C PHE A 66 4.16 19.31 -0.90
N GLN A 67 5.36 18.73 -1.01
CA GLN A 67 5.73 17.96 -2.21
C GLN A 67 5.65 16.44 -2.03
N GLY A 68 5.28 15.96 -0.87
CA GLY A 68 5.13 14.54 -0.63
C GLY A 68 5.57 14.15 0.76
N PHE A 69 5.56 12.85 1.05
CA PHE A 69 6.07 12.36 2.32
C PHE A 69 6.72 10.99 2.16
N ALA A 70 7.64 10.69 3.09
CA ALA A 70 8.49 9.52 3.00
C ALA A 70 8.75 9.00 4.41
N ARG A 71 9.15 7.75 4.50
CA ARG A 71 9.44 7.09 5.77
C ARG A 71 10.94 6.86 5.89
N LEU A 72 11.53 7.25 7.02
CA LEU A 72 12.94 6.90 7.25
C LEU A 72 13.10 5.38 7.23
N SER A 73 14.09 4.91 6.47
CA SER A 73 14.46 3.50 6.51
C SER A 73 15.80 3.26 7.21
N SER A 74 16.48 4.31 7.65
CA SER A 74 17.76 4.18 8.34
C SER A 74 18.03 5.42 9.17
N GLU A 75 18.95 5.27 10.14
CA GLU A 75 19.58 6.41 10.78
C GLU A 75 20.55 7.07 9.78
N SER A 76 21.04 8.25 10.14
CA SER A 76 21.98 8.93 9.25
C SER A 76 23.31 8.18 9.18
N HIS A 77 23.92 8.20 8.00
CA HIS A 77 25.22 7.57 7.79
C HIS A 77 26.10 8.46 6.93
N HIS A 78 27.40 8.47 7.25
CA HIS A 78 28.36 9.33 6.60
C HIS A 78 29.32 8.49 5.77
N GLY A 79 29.73 9.01 4.62
CA GLY A 79 30.76 8.41 3.81
C GLY A 79 30.28 7.46 2.73
N GLY A 80 28.96 7.26 2.59
CA GLY A 80 28.45 6.40 1.54
C GLY A 80 28.53 7.05 0.17
N SER A 81 27.66 6.65 -0.75
CA SER A 81 27.59 7.30 -2.04
C SER A 81 27.28 8.79 -1.84
N PRO A 82 28.10 9.70 -2.38
CA PRO A 82 27.90 11.13 -2.13
C PRO A 82 26.65 11.65 -2.82
N ILE A 83 26.22 12.85 -2.40
CA ILE A 83 25.02 13.49 -2.92
C ILE A 83 25.31 14.95 -3.24
N HIS A 84 24.98 15.37 -4.47
CA HIS A 84 25.26 16.73 -4.95
C HIS A 84 24.07 17.65 -4.65
N TRP A 85 23.85 17.91 -3.37
CA TRP A 85 22.83 18.88 -2.98
C TRP A 85 23.16 20.25 -3.56
N VAL A 86 22.12 21.01 -3.89
CA VAL A 86 22.26 22.43 -4.20
C VAL A 86 22.27 23.19 -2.89
N LEU A 87 23.42 23.77 -2.55
CA LEU A 87 23.64 24.29 -1.21
C LEU A 87 23.14 25.71 -1.13
N PRO A 88 22.21 26.03 -0.23
CA PRO A 88 21.79 27.42 -0.06
C PRO A 88 22.93 28.31 0.44
N ALA A 89 22.61 29.57 0.73
CA ALA A 89 23.61 30.55 1.14
C ALA A 89 24.44 30.06 2.33
N GLY A 90 23.85 30.07 3.52
CA GLY A 90 24.58 29.67 4.71
C GLY A 90 24.65 28.17 4.94
N MET A 91 24.99 27.42 3.88
CA MET A 91 24.92 25.97 3.92
C MET A 91 26.16 25.35 3.28
N SER A 92 26.84 24.49 4.05
CA SER A 92 28.01 23.76 3.58
C SER A 92 27.67 22.30 3.40
N ALA A 93 28.50 21.60 2.61
CA ALA A 93 28.35 20.17 2.43
C ALA A 93 28.59 19.39 3.71
N LYS A 94 29.41 19.91 4.63
CA LYS A 94 29.61 19.27 5.93
C LYS A 94 28.39 19.40 6.83
N MET A 95 27.54 20.41 6.61
CA MET A 95 26.29 20.53 7.35
C MET A 95 25.27 19.51 6.91
N LEU A 96 25.29 19.14 5.62
CA LEU A 96 24.41 18.12 5.07
C LEU A 96 25.11 16.78 4.92
N GLY A 97 26.10 16.51 5.77
CA GLY A 97 26.93 15.34 5.60
C GLY A 97 26.26 14.03 5.97
N GLY A 98 25.38 14.05 6.97
CA GLY A 98 24.66 12.84 7.34
C GLY A 98 23.52 12.57 6.38
N VAL A 99 23.48 11.34 5.85
CA VAL A 99 22.51 10.94 4.84
C VAL A 99 21.60 9.90 5.44
N PHE A 100 20.28 10.17 5.42
CA PHE A 100 19.28 9.19 5.79
C PHE A 100 18.75 8.55 4.51
N LYS A 101 18.48 7.24 4.58
CA LYS A 101 17.72 6.58 3.52
C LYS A 101 16.23 6.68 3.83
N ILE A 102 15.43 6.92 2.79
CA ILE A 102 14.00 7.11 2.93
C ILE A 102 13.27 6.33 1.85
N ASP A 103 12.06 5.87 2.17
CA ASP A 103 11.17 5.24 1.21
C ASP A 103 9.98 6.18 1.04
N TRP A 104 9.76 6.63 -0.19
CA TRP A 104 8.67 7.53 -0.46
C TRP A 104 7.35 6.79 -0.31
N ILE A 105 6.40 7.47 0.33
CA ILE A 105 5.04 6.98 0.43
C ILE A 105 4.12 7.71 -0.53
N CYS A 106 4.38 8.99 -0.80
CA CYS A 106 3.60 9.81 -1.70
C CYS A 106 4.53 10.83 -2.31
N ARG A 107 4.64 10.86 -3.64
CA ARG A 107 5.44 11.86 -4.33
C ARG A 107 4.59 12.96 -4.95
N ARG A 108 3.30 12.99 -4.64
CA ARG A 108 2.39 14.01 -5.16
C ARG A 108 2.33 15.20 -4.21
N GLU A 109 1.95 16.35 -4.77
CA GLU A 109 1.87 17.62 -4.07
C GLU A 109 0.53 17.76 -3.35
N LEU A 110 0.54 18.59 -2.30
CA LEU A 110 -0.69 19.01 -1.62
C LEU A 110 -0.58 20.50 -1.34
N PRO A 111 -1.47 21.33 -1.89
CA PRO A 111 -1.41 22.76 -1.59
C PRO A 111 -1.80 23.06 -0.16
N PHE A 112 -1.18 24.11 0.39
CA PHE A 112 -1.46 24.53 1.76
C PHE A 112 -2.93 24.88 1.95
N THR A 113 -3.61 25.33 0.89
CA THR A 113 -5.03 25.64 1.02
C THR A 113 -5.85 24.43 1.47
N LYS A 114 -5.39 23.21 1.18
CA LYS A 114 -6.13 22.01 1.57
C LYS A 114 -5.87 21.57 3.01
N SER A 115 -4.84 22.09 3.67
CA SER A 115 -4.54 21.68 5.05
C SER A 115 -4.90 22.77 6.05
N ALA A 116 -5.68 23.78 5.64
CA ALA A 116 -5.96 24.93 6.50
C ALA A 116 -6.76 24.55 7.73
N HIS A 117 -7.44 23.41 7.73
CA HIS A 117 -8.21 22.98 8.89
C HIS A 117 -7.39 22.15 9.89
N LEU A 118 -6.10 21.94 9.66
CA LEU A 118 -5.26 21.14 10.55
C LEU A 118 -4.27 22.04 11.28
N THR A 119 -4.28 21.97 12.61
CA THR A 119 -3.33 22.71 13.44
C THR A 119 -2.47 21.73 14.21
N ASN A 120 -1.26 22.16 14.55
CA ASN A 120 -0.26 21.29 15.16
C ASN A 120 -0.12 21.68 16.63
N PRO A 121 -0.57 20.84 17.56
CA PRO A 121 -0.36 21.15 19.00
C PRO A 121 1.09 21.40 19.40
N TRP A 122 2.05 20.79 18.71
CA TRP A 122 3.45 21.01 19.08
C TRP A 122 4.03 22.31 18.54
N ASN A 123 3.25 23.05 17.74
CA ASN A 123 3.64 24.41 17.33
C ASN A 123 2.52 25.39 17.62
N GLU A 124 2.09 25.43 18.90
CA GLU A 124 1.12 26.41 19.40
C GLU A 124 -0.21 26.37 18.63
N HIS A 125 -0.56 25.22 18.05
CA HIS A 125 -1.80 25.07 17.31
C HIS A 125 -1.88 25.99 16.10
N LYS A 126 -0.72 26.39 15.59
CA LYS A 126 -0.68 27.07 14.31
C LYS A 126 -0.98 26.08 13.19
N PRO A 127 -1.49 26.56 12.05
CA PRO A 127 -1.73 25.69 10.90
C PRO A 127 -0.49 24.87 10.60
N VAL A 128 -0.71 23.60 10.24
CA VAL A 128 0.40 22.67 10.12
C VAL A 128 1.41 23.09 9.05
N LYS A 129 0.98 23.87 8.06
CA LYS A 129 1.94 24.41 7.10
C LYS A 129 3.00 25.29 7.76
N ILE A 130 2.71 25.83 8.95
CA ILE A 130 3.66 26.72 9.61
C ILE A 130 4.61 25.92 10.48
N GLY A 131 5.89 26.14 10.29
CA GLY A 131 6.88 25.52 11.15
C GLY A 131 8.23 25.57 10.51
N ARG A 132 9.25 25.51 11.36
CA ARG A 132 10.63 25.48 10.88
C ARG A 132 11.00 24.06 10.47
N ASP A 133 12.06 23.98 9.66
CA ASP A 133 12.62 22.69 9.30
C ASP A 133 12.86 21.86 10.56
N GLY A 134 12.30 20.66 10.56
CA GLY A 134 12.45 19.74 11.68
C GLY A 134 11.33 19.78 12.70
N GLN A 135 10.35 20.67 12.54
CA GLN A 135 9.28 20.78 13.53
C GLN A 135 8.52 19.46 13.59
N GLU A 136 8.37 18.89 14.78
CA GLU A 136 7.56 17.69 14.93
C GLU A 136 6.08 18.02 14.86
N ILE A 137 5.32 17.14 14.21
CA ILE A 137 3.88 17.24 14.06
C ILE A 137 3.23 16.14 14.89
N GLU A 138 2.34 16.53 15.80
CA GLU A 138 1.60 15.59 16.63
C GLU A 138 0.89 14.52 15.80
N LEU A 139 0.77 13.32 16.38
CA LEU A 139 0.30 12.12 15.70
C LEU A 139 -1.01 12.34 14.93
N GLU A 140 -2.04 12.89 15.59
CA GLU A 140 -3.35 12.99 14.93
C GLU A 140 -3.30 13.98 13.78
N CYS A 141 -2.70 15.15 14.00
CA CYS A 141 -2.46 16.10 12.92
C CYS A 141 -1.70 15.49 11.76
N GLY A 142 -0.57 14.83 12.06
CA GLY A 142 0.26 14.30 11.01
C GLY A 142 -0.44 13.20 10.23
N THR A 143 -1.20 12.36 10.91
CA THR A 143 -1.97 11.32 10.25
C THR A 143 -2.99 11.92 9.29
N GLN A 144 -3.76 12.90 9.78
CA GLN A 144 -4.75 13.52 8.91
C GLN A 144 -4.10 14.28 7.76
N LEU A 145 -2.96 14.91 8.00
CA LEU A 145 -2.27 15.60 6.91
C LEU A 145 -1.87 14.62 5.82
N CYS A 146 -1.29 13.49 6.20
CA CYS A 146 -0.83 12.53 5.20
C CYS A 146 -2.00 11.96 4.42
N LEU A 147 -3.13 11.74 5.10
CA LEU A 147 -4.32 11.22 4.43
C LEU A 147 -4.94 12.21 3.46
N LEU A 148 -4.60 13.50 3.53
CA LEU A 148 -5.13 14.48 2.59
C LEU A 148 -4.44 14.43 1.24
N PHE A 149 -3.22 13.89 1.16
CA PHE A 149 -2.51 13.88 -0.11
C PHE A 149 -3.26 13.01 -1.12
N PRO A 150 -3.20 13.35 -2.40
CA PRO A 150 -3.74 12.46 -3.43
C PRO A 150 -3.05 11.12 -3.35
N PRO A 151 -3.77 10.03 -3.61
CA PRO A 151 -3.12 8.71 -3.62
C PRO A 151 -2.04 8.67 -4.70
N ASP A 152 -0.91 8.07 -4.36
CA ASP A 152 0.20 7.83 -5.31
C ASP A 152 0.14 6.36 -5.71
N GLU A 153 -0.52 6.10 -6.83
CA GLU A 153 -0.76 4.74 -7.27
C GLU A 153 0.49 4.07 -7.83
N SER A 154 1.59 4.81 -7.97
CA SER A 154 2.86 4.23 -8.40
C SER A 154 3.61 3.53 -7.27
N ILE A 155 3.16 3.66 -6.03
CA ILE A 155 3.90 3.15 -4.87
C ILE A 155 3.13 1.96 -4.31
N ASP A 156 3.86 0.89 -3.99
CA ASP A 156 3.31 -0.30 -3.34
C ASP A 156 3.89 -0.33 -1.93
N LEU A 157 3.02 -0.16 -0.93
CA LEU A 157 3.46 -0.10 0.46
C LEU A 157 3.81 -1.46 1.06
N TYR A 158 3.65 -2.55 0.29
CA TYR A 158 3.95 -3.87 0.82
C TYR A 158 5.38 -3.97 1.32
N GLN A 159 6.35 -3.48 0.54
CA GLN A 159 7.76 -3.56 0.94
C GLN A 159 8.05 -2.65 2.13
N VAL A 160 7.35 -1.53 2.23
CA VAL A 160 7.53 -0.62 3.35
C VAL A 160 7.05 -1.28 4.65
N ILE A 161 5.93 -2.00 4.59
CA ILE A 161 5.37 -2.64 5.75
C ILE A 161 6.32 -3.69 6.31
N HIS A 162 7.05 -4.39 5.44
CA HIS A 162 7.97 -5.42 5.89
C HIS A 162 9.15 -4.83 6.65
N LYS A 163 9.50 -3.57 6.37
CA LYS A 163 10.60 -2.92 7.08
C LYS A 163 10.23 -2.55 8.50
N MET A 164 8.94 -2.51 8.83
CA MET A 164 8.50 -2.19 10.17
C MET A 164 8.69 -3.39 11.11
N GLY B 1 -3.68 -33.05 4.91
CA GLY B 1 -3.53 -33.04 3.47
C GLY B 1 -3.22 -31.66 2.93
N THR B 2 -2.61 -30.83 3.76
CA THR B 2 -2.41 -29.41 3.45
C THR B 2 -1.05 -29.10 2.87
N SER B 3 -0.16 -30.10 2.68
CA SER B 3 1.20 -29.79 2.25
C SER B 3 1.21 -29.05 0.91
N LYS B 4 0.42 -29.53 -0.06
CA LYS B 4 0.39 -28.87 -1.36
C LYS B 4 -0.12 -27.45 -1.25
N LEU B 5 -1.24 -27.26 -0.54
CA LEU B 5 -1.82 -25.93 -0.44
C LEU B 5 -0.89 -24.98 0.29
N LYS B 6 -0.26 -25.46 1.39
CA LYS B 6 0.67 -24.61 2.12
C LYS B 6 1.86 -24.20 1.25
N TYR B 7 2.31 -25.12 0.37
CA TYR B 7 3.35 -24.78 -0.59
C TYR B 7 2.90 -23.65 -1.53
N VAL B 8 1.67 -23.73 -2.04
CA VAL B 8 1.16 -22.69 -2.94
C VAL B 8 1.06 -21.35 -2.22
N LEU B 9 0.70 -21.35 -0.94
CA LEU B 9 0.47 -20.12 -0.18
C LEU B 9 1.72 -19.55 0.48
N GLN B 10 2.86 -20.23 0.40
CA GLN B 10 4.06 -19.68 1.01
C GLN B 10 4.47 -18.38 0.32
N ASP B 11 4.69 -17.35 1.13
CA ASP B 11 5.10 -16.04 0.64
C ASP B 11 4.07 -15.38 -0.28
N ALA B 12 2.79 -15.77 -0.18
CA ALA B 12 1.77 -15.24 -1.07
C ALA B 12 1.30 -13.86 -0.60
N ARG B 13 0.74 -13.08 -1.53
CA ARG B 13 -0.06 -11.91 -1.19
C ARG B 13 -1.53 -12.22 -1.44
N PHE B 14 -2.42 -11.63 -0.63
CA PHE B 14 -3.82 -11.97 -0.62
C PHE B 14 -4.66 -10.71 -0.79
N PHE B 15 -5.68 -10.77 -1.63
CA PHE B 15 -6.58 -9.65 -1.83
C PHE B 15 -8.03 -10.11 -1.76
N LEU B 16 -8.84 -9.38 -1.02
CA LEU B 16 -10.28 -9.59 -1.00
C LEU B 16 -10.89 -9.04 -2.28
N ILE B 17 -11.76 -9.83 -2.92
CA ILE B 17 -12.49 -9.41 -4.11
C ILE B 17 -13.97 -9.40 -3.72
N LYS B 18 -14.62 -8.25 -3.88
CA LYS B 18 -16.05 -8.13 -3.58
C LYS B 18 -16.79 -7.90 -4.88
N SER B 19 -17.64 -8.86 -5.26
CA SER B 19 -18.41 -8.75 -6.47
C SER B 19 -19.82 -8.32 -6.11
N ASN B 20 -20.39 -7.44 -6.93
CA ASN B 20 -21.76 -7.04 -6.64
C ASN B 20 -22.80 -8.00 -7.18
N ASN B 21 -22.41 -8.94 -8.06
CA ASN B 21 -23.33 -9.94 -8.56
C ASN B 21 -22.73 -11.34 -8.48
N HIS B 22 -23.61 -12.33 -8.37
CA HIS B 22 -23.20 -13.74 -8.41
C HIS B 22 -22.80 -14.15 -9.82
N GLU B 23 -23.38 -13.52 -10.85
CA GLU B 23 -23.22 -13.98 -12.22
C GLU B 23 -21.76 -13.88 -12.67
N ASN B 24 -21.07 -12.78 -12.31
CA ASN B 24 -19.68 -12.64 -12.74
C ASN B 24 -18.76 -13.61 -12.02
N VAL B 25 -19.12 -13.98 -10.78
CA VAL B 25 -18.33 -15.01 -10.10
C VAL B 25 -18.54 -16.39 -10.76
N SER B 26 -19.79 -16.71 -11.13
CA SER B 26 -20.02 -17.96 -11.85
CA SER B 26 -20.04 -17.95 -11.87
C SER B 26 -19.28 -17.99 -13.19
N LEU B 27 -19.29 -16.88 -13.91
CA LEU B 27 -18.54 -16.80 -15.15
C LEU B 27 -17.05 -17.03 -14.89
N ALA B 28 -16.52 -16.35 -13.86
CA ALA B 28 -15.09 -16.42 -13.56
C ALA B 28 -14.68 -17.82 -13.13
N LYS B 29 -15.56 -18.50 -12.37
CA LYS B 29 -15.26 -19.87 -11.92
C LYS B 29 -15.09 -20.83 -13.09
N ALA B 30 -15.92 -20.68 -14.13
CA ALA B 30 -15.90 -21.62 -15.24
C ALA B 30 -14.76 -21.31 -16.21
N LYS B 31 -14.48 -20.04 -16.43
CA LYS B 31 -13.59 -19.60 -17.50
C LYS B 31 -12.18 -19.28 -17.02
N GLY B 32 -11.98 -19.07 -15.72
CA GLY B 32 -10.64 -18.78 -15.22
C GLY B 32 -10.11 -17.39 -15.51
N VAL B 33 -10.96 -16.38 -15.37
CA VAL B 33 -10.59 -15.00 -15.62
C VAL B 33 -11.23 -14.11 -14.55
N TRP B 34 -10.62 -12.95 -14.35
CA TRP B 34 -11.20 -11.91 -13.52
C TRP B 34 -10.78 -10.55 -14.06
N SER B 35 -11.67 -9.58 -13.87
CA SER B 35 -11.40 -8.17 -14.14
C SER B 35 -11.85 -7.33 -12.96
N THR B 36 -11.15 -6.23 -12.71
CA THR B 36 -11.48 -5.33 -11.61
C THR B 36 -11.29 -3.88 -12.07
N LEU B 37 -11.64 -2.94 -11.19
CA LEU B 37 -11.50 -1.51 -11.47
C LEU B 37 -10.02 -1.12 -11.59
N PRO B 38 -9.71 -0.02 -12.29
CA PRO B 38 -8.30 0.26 -12.61
C PRO B 38 -7.40 0.49 -11.41
N VAL B 39 -7.94 0.97 -10.28
CA VAL B 39 -7.11 1.16 -9.09
C VAL B 39 -6.63 -0.19 -8.56
N ASN B 40 -7.57 -1.14 -8.42
CA ASN B 40 -7.19 -2.49 -8.01
C ASN B 40 -6.41 -3.22 -9.09
N GLU B 41 -6.74 -2.97 -10.36
CA GLU B 41 -5.96 -3.57 -11.45
C GLU B 41 -4.49 -3.26 -11.32
N LYS B 42 -4.15 -2.00 -11.06
CA LYS B 42 -2.75 -1.61 -10.89
C LYS B 42 -2.14 -2.30 -9.68
N LYS B 43 -2.87 -2.32 -8.55
CA LYS B 43 -2.37 -2.98 -7.35
C LYS B 43 -2.06 -4.44 -7.62
N LEU B 44 -2.94 -5.13 -8.36
CA LEU B 44 -2.74 -6.56 -8.59
C LEU B 44 -1.59 -6.81 -9.56
N ASN B 45 -1.40 -5.92 -10.54
CA ASN B 45 -0.27 -6.05 -11.45
C ASN B 45 1.06 -5.88 -10.72
N LEU B 46 1.16 -4.86 -9.86
CA LEU B 46 2.35 -4.71 -9.04
C LEU B 46 2.59 -5.95 -8.19
N ALA B 47 1.53 -6.47 -7.56
CA ALA B 47 1.69 -7.63 -6.70
C ALA B 47 2.10 -8.87 -7.50
N PHE B 48 1.55 -9.04 -8.70
CA PHE B 48 1.87 -10.22 -9.50
C PHE B 48 3.37 -10.29 -9.82
N ARG B 49 3.98 -9.14 -10.12
CA ARG B 49 5.40 -9.14 -10.46
C ARG B 49 6.31 -9.33 -9.26
N SER B 50 5.85 -8.96 -8.07
CA SER B 50 6.71 -9.00 -6.89
C SER B 50 6.52 -10.25 -6.04
N ALA B 51 5.39 -10.92 -6.13
CA ALA B 51 5.05 -11.99 -5.20
C ALA B 51 5.09 -13.34 -5.88
N ARG B 52 5.46 -14.37 -5.11
CA ARG B 52 5.51 -15.73 -5.65
C ARG B 52 4.12 -16.22 -6.06
N SER B 53 3.08 -15.82 -5.31
CA SER B 53 1.69 -16.12 -5.63
C SER B 53 0.86 -14.92 -5.21
N VAL B 54 -0.14 -14.57 -6.02
CA VAL B 54 -1.15 -13.59 -5.66
C VAL B 54 -2.49 -14.29 -5.61
N ILE B 55 -3.14 -14.26 -4.45
CA ILE B 55 -4.36 -15.01 -4.21
C ILE B 55 -5.50 -14.02 -4.11
N LEU B 56 -6.59 -14.27 -4.83
CA LEU B 56 -7.82 -13.50 -4.78
C LEU B 56 -8.86 -14.33 -4.03
N ILE B 57 -9.45 -13.76 -2.97
CA ILE B 57 -10.45 -14.43 -2.17
C ILE B 57 -11.76 -13.71 -2.42
N PHE B 58 -12.75 -14.43 -2.93
CA PHE B 58 -13.96 -13.84 -3.49
C PHE B 58 -15.11 -13.84 -2.51
N SER B 59 -15.84 -12.72 -2.45
CA SER B 59 -17.08 -12.66 -1.69
C SER B 59 -18.11 -11.80 -2.43
N VAL B 60 -19.25 -12.39 -2.74
CA VAL B 60 -20.33 -11.65 -3.39
C VAL B 60 -21.04 -10.78 -2.36
N ARG B 61 -21.22 -9.51 -2.69
CA ARG B 61 -21.88 -8.58 -1.78
C ARG B 61 -23.23 -9.12 -1.32
N GLU B 62 -23.44 -9.06 0.00
CA GLU B 62 -24.66 -9.45 0.71
C GLU B 62 -24.87 -10.96 0.83
N SER B 63 -23.94 -11.79 0.35
CA SER B 63 -24.16 -13.24 0.41
C SER B 63 -23.85 -13.84 1.78
N GLY B 64 -23.12 -13.13 2.64
CA GLY B 64 -22.69 -13.72 3.90
C GLY B 64 -21.66 -14.82 3.81
N LYS B 65 -20.99 -14.95 2.65
CA LYS B 65 -20.06 -16.05 2.45
C LYS B 65 -18.94 -15.58 1.54
N PHE B 66 -17.83 -16.32 1.58
CA PHE B 66 -16.85 -16.31 0.50
C PHE B 66 -17.23 -17.43 -0.46
N GLN B 67 -16.96 -17.20 -1.75
CA GLN B 67 -17.32 -18.17 -2.80
C GLN B 67 -16.13 -18.97 -3.31
N GLY B 68 -14.92 -18.67 -2.85
CA GLY B 68 -13.75 -19.45 -3.20
C GLY B 68 -12.54 -18.56 -3.32
N PHE B 69 -11.44 -19.13 -3.80
CA PHE B 69 -10.23 -18.37 -3.96
C PHE B 69 -9.42 -18.91 -5.14
N ALA B 70 -8.57 -18.07 -5.68
CA ALA B 70 -7.87 -18.34 -6.92
C ALA B 70 -6.51 -17.68 -6.91
N ARG B 71 -5.62 -18.15 -7.76
CA ARG B 71 -4.27 -17.61 -7.90
C ARG B 71 -4.14 -16.93 -9.27
N LEU B 72 -3.65 -15.70 -9.30
CA LEU B 72 -3.33 -15.06 -10.58
C LEU B 72 -2.27 -15.87 -11.33
N SER B 73 -2.55 -16.16 -12.60
CA SER B 73 -1.54 -16.74 -13.46
C SER B 73 -0.96 -15.75 -14.45
N SER B 74 -1.49 -14.54 -14.53
CA SER B 74 -0.97 -13.52 -15.42
C SER B 74 -1.27 -12.12 -14.88
N GLU B 75 -0.50 -11.14 -15.36
CA GLU B 75 -0.91 -9.76 -15.22
C GLU B 75 -2.14 -9.50 -16.08
N SER B 76 -2.76 -8.35 -15.89
CA SER B 76 -3.92 -8.02 -16.71
C SER B 76 -3.46 -7.80 -18.15
N HIS B 77 -4.30 -8.21 -19.09
CA HIS B 77 -4.00 -8.05 -20.50
C HIS B 77 -5.21 -7.42 -21.17
N HIS B 78 -4.96 -6.38 -21.97
CA HIS B 78 -6.00 -5.75 -22.76
C HIS B 78 -5.89 -6.25 -24.20
N GLY B 79 -7.04 -6.34 -24.86
CA GLY B 79 -7.09 -6.69 -26.27
C GLY B 79 -7.45 -8.12 -26.59
N GLY B 80 -7.52 -8.99 -25.59
CA GLY B 80 -7.93 -10.36 -25.81
C GLY B 80 -9.42 -10.44 -26.15
N SER B 81 -9.90 -11.68 -26.18
CA SER B 81 -11.31 -11.92 -26.50
C SER B 81 -12.19 -11.26 -25.45
N PRO B 82 -13.30 -10.64 -25.85
CA PRO B 82 -14.13 -9.90 -24.88
C PRO B 82 -14.84 -10.81 -23.89
N ILE B 83 -14.39 -10.78 -22.63
CA ILE B 83 -15.21 -11.36 -21.58
C ILE B 83 -16.47 -10.52 -21.45
N HIS B 84 -17.62 -11.17 -21.49
CA HIS B 84 -18.88 -10.45 -21.50
C HIS B 84 -19.48 -10.43 -20.09
N TRP B 85 -18.78 -9.71 -19.21
CA TRP B 85 -19.24 -9.55 -17.84
C TRP B 85 -20.65 -8.99 -17.82
N VAL B 86 -21.40 -9.33 -16.76
CA VAL B 86 -22.65 -8.66 -16.47
C VAL B 86 -22.30 -7.38 -15.72
N LEU B 87 -22.45 -6.24 -16.39
CA LEU B 87 -21.95 -4.98 -15.88
C LEU B 87 -22.94 -4.38 -14.90
N PRO B 88 -22.56 -4.18 -13.64
CA PRO B 88 -23.46 -3.56 -12.67
C PRO B 88 -23.41 -2.04 -12.82
N ALA B 89 -24.21 -1.37 -11.98
CA ALA B 89 -24.29 0.08 -11.83
C ALA B 89 -23.77 0.88 -13.02
N GLY B 90 -22.70 1.64 -12.79
CA GLY B 90 -22.08 2.44 -13.84
C GLY B 90 -20.80 1.84 -14.37
N MET B 91 -20.62 0.54 -14.18
CA MET B 91 -19.47 -0.13 -14.78
C MET B 91 -19.66 -0.23 -16.29
N SER B 92 -18.56 -0.03 -17.01
CA SER B 92 -18.54 -0.22 -18.46
C SER B 92 -17.45 -1.23 -18.81
N ALA B 93 -17.55 -1.80 -20.01
CA ALA B 93 -16.55 -2.75 -20.48
C ALA B 93 -15.14 -2.18 -20.29
N LYS B 94 -14.95 -0.91 -20.63
CA LYS B 94 -13.62 -0.30 -20.56
C LYS B 94 -13.07 -0.30 -19.14
N MET B 95 -13.93 -0.04 -18.14
CA MET B 95 -13.48 -0.11 -16.75
C MET B 95 -12.94 -1.50 -16.41
N LEU B 96 -13.53 -2.54 -16.99
CA LEU B 96 -13.15 -3.92 -16.71
C LEU B 96 -12.27 -4.49 -17.81
N GLY B 97 -11.62 -3.64 -18.60
CA GLY B 97 -10.94 -4.09 -19.80
C GLY B 97 -9.73 -4.95 -19.54
N GLY B 98 -9.05 -4.73 -18.42
CA GLY B 98 -7.92 -5.60 -18.07
C GLY B 98 -8.43 -6.95 -17.63
N VAL B 99 -7.89 -8.01 -18.25
CA VAL B 99 -8.33 -9.37 -17.95
C VAL B 99 -7.16 -10.14 -17.37
N PHE B 100 -7.29 -10.55 -16.11
CA PHE B 100 -6.35 -11.47 -15.49
C PHE B 100 -6.79 -12.90 -15.74
N LYS B 101 -5.81 -13.76 -16.03
CA LYS B 101 -6.04 -15.19 -15.99
C LYS B 101 -5.83 -15.66 -14.56
N ILE B 102 -6.71 -16.55 -14.09
CA ILE B 102 -6.67 -17.05 -12.71
C ILE B 102 -6.86 -18.56 -12.73
N ASP B 103 -6.22 -19.23 -11.79
CA ASP B 103 -6.40 -20.66 -11.56
C ASP B 103 -7.11 -20.83 -10.23
N TRP B 104 -8.32 -21.35 -10.26
CA TRP B 104 -9.07 -21.56 -9.02
C TRP B 104 -8.40 -22.64 -8.17
N ILE B 105 -8.32 -22.35 -6.87
CA ILE B 105 -7.83 -23.31 -5.89
CA ILE B 105 -7.84 -23.30 -5.88
C ILE B 105 -9.00 -23.93 -5.14
N CYS B 106 -10.05 -23.18 -4.91
CA CYS B 106 -11.25 -23.71 -4.27
C CYS B 106 -12.44 -22.93 -4.81
N ARG B 107 -13.47 -23.64 -5.23
CA ARG B 107 -14.67 -22.98 -5.73
C ARG B 107 -15.84 -23.24 -4.80
N ARG B 108 -15.58 -23.73 -3.60
CA ARG B 108 -16.61 -24.00 -2.62
C ARG B 108 -16.78 -22.84 -1.66
N GLU B 109 -17.99 -22.73 -1.12
CA GLU B 109 -18.32 -21.62 -0.25
C GLU B 109 -17.74 -21.80 1.14
N LEU B 110 -17.43 -20.67 1.77
CA LEU B 110 -17.08 -20.62 3.18
C LEU B 110 -17.94 -19.55 3.84
N PRO B 111 -18.89 -19.92 4.70
CA PRO B 111 -19.69 -18.91 5.38
C PRO B 111 -18.84 -18.06 6.33
N PHE B 112 -19.20 -16.78 6.41
CA PHE B 112 -18.53 -15.86 7.32
C PHE B 112 -18.54 -16.39 8.75
N THR B 113 -19.54 -17.19 9.10
CA THR B 113 -19.61 -17.78 10.44
C THR B 113 -18.38 -18.63 10.75
N LYS B 114 -17.73 -19.18 9.72
CA LYS B 114 -16.56 -20.03 9.94
C LYS B 114 -15.25 -19.25 9.98
N SER B 115 -15.25 -17.97 9.63
CA SER B 115 -14.04 -17.15 9.67
C SER B 115 -14.11 -16.07 10.74
N ALA B 116 -15.06 -16.18 11.67
CA ALA B 116 -15.32 -15.12 12.63
C ALA B 116 -14.15 -14.88 13.58
N HIS B 117 -13.28 -15.86 13.77
CA HIS B 117 -12.13 -15.73 14.65
C HIS B 117 -10.92 -15.10 13.99
N LEU B 118 -10.94 -14.83 12.68
CA LEU B 118 -9.79 -14.30 11.99
C LEU B 118 -9.93 -12.79 11.73
N THR B 119 -8.89 -12.04 12.11
CA THR B 119 -8.85 -10.60 11.94
C THR B 119 -7.66 -10.21 11.07
N ASN B 120 -7.83 -9.16 10.25
CA ASN B 120 -6.81 -8.70 9.34
C ASN B 120 -6.05 -7.52 9.94
N PRO B 121 -4.77 -7.67 10.31
CA PRO B 121 -4.03 -6.53 10.87
C PRO B 121 -3.91 -5.33 9.94
N TRP B 122 -3.96 -5.54 8.62
CA TRP B 122 -3.85 -4.46 7.64
C TRP B 122 -5.20 -3.80 7.35
N ASN B 123 -6.25 -4.19 8.07
CA ASN B 123 -7.53 -3.49 8.07
C ASN B 123 -7.98 -3.27 9.50
N GLU B 124 -7.10 -2.67 10.30
CA GLU B 124 -7.40 -2.23 11.67
C GLU B 124 -7.83 -3.38 12.58
N HIS B 125 -7.38 -4.60 12.27
CA HIS B 125 -7.64 -5.78 13.09
C HIS B 125 -9.12 -6.16 13.11
N LYS B 126 -9.86 -5.73 12.08
CA LYS B 126 -11.25 -6.10 11.92
C LYS B 126 -11.38 -7.51 11.37
N PRO B 127 -12.52 -8.18 11.61
CA PRO B 127 -12.73 -9.52 11.06
C PRO B 127 -12.54 -9.52 9.55
N VAL B 128 -11.92 -10.59 9.06
CA VAL B 128 -11.41 -10.61 7.68
C VAL B 128 -12.54 -10.50 6.66
N LYS B 129 -13.75 -10.90 7.01
CA LYS B 129 -14.90 -10.71 6.15
C LYS B 129 -15.18 -9.25 5.85
N ILE B 130 -14.69 -8.34 6.70
CA ILE B 130 -14.93 -6.91 6.52
C ILE B 130 -13.86 -6.33 5.61
N GLY B 131 -14.28 -5.68 4.53
CA GLY B 131 -13.32 -5.03 3.67
C GLY B 131 -13.90 -4.63 2.32
N ARG B 132 -13.27 -3.65 1.68
CA ARG B 132 -13.68 -3.16 0.39
C ARG B 132 -13.08 -4.05 -0.69
N ASP B 133 -13.64 -3.98 -1.90
CA ASP B 133 -13.00 -4.64 -3.04
C ASP B 133 -11.51 -4.27 -3.14
N GLY B 134 -10.65 -5.27 -3.20
CA GLY B 134 -9.22 -5.07 -3.32
C GLY B 134 -8.46 -4.95 -2.02
N GLN B 135 -9.15 -5.00 -0.87
CA GLN B 135 -8.48 -4.87 0.42
C GLN B 135 -7.40 -5.94 0.56
N GLU B 136 -6.16 -5.53 0.80
CA GLU B 136 -5.10 -6.51 0.96
C GLU B 136 -5.19 -7.16 2.34
N ILE B 137 -4.92 -8.45 2.39
CA ILE B 137 -5.00 -9.22 3.63
C ILE B 137 -3.58 -9.67 3.99
N GLU B 138 -3.19 -9.40 5.24
CA GLU B 138 -1.86 -9.77 5.71
C GLU B 138 -1.63 -11.28 5.58
N LEU B 139 -0.35 -11.67 5.38
CA LEU B 139 0.03 -13.03 5.04
C LEU B 139 -0.59 -14.08 5.96
N GLU B 140 -0.38 -13.99 7.27
CA GLU B 140 -0.82 -15.07 8.14
C GLU B 140 -2.35 -15.16 8.17
N CYS B 141 -3.03 -14.01 8.21
CA CYS B 141 -4.49 -14.00 8.15
C CYS B 141 -4.98 -14.62 6.84
N GLY B 142 -4.41 -14.20 5.71
CA GLY B 142 -4.83 -14.73 4.42
C GLY B 142 -4.60 -16.23 4.32
N THR B 143 -3.47 -16.70 4.84
CA THR B 143 -3.17 -18.13 4.82
C THR B 143 -4.19 -18.91 5.63
N GLN B 144 -4.47 -18.46 6.86
CA GLN B 144 -5.42 -19.20 7.67
C GLN B 144 -6.82 -19.16 7.09
N LEU B 145 -7.22 -18.03 6.50
CA LEU B 145 -8.51 -17.96 5.83
C LEU B 145 -8.61 -19.01 4.71
N CYS B 146 -7.59 -19.07 3.85
CA CYS B 146 -7.60 -20.06 2.76
C CYS B 146 -7.68 -21.49 3.29
N LEU B 147 -7.02 -21.75 4.43
CA LEU B 147 -7.01 -23.12 4.96
C LEU B 147 -8.36 -23.52 5.55
N LEU B 148 -9.24 -22.56 5.81
CA LEU B 148 -10.57 -22.84 6.33
C LEU B 148 -11.48 -23.46 5.27
N PHE B 149 -11.23 -23.19 3.99
CA PHE B 149 -12.14 -23.65 2.94
C PHE B 149 -12.12 -25.18 2.86
N PRO B 150 -13.23 -25.80 2.50
CA PRO B 150 -13.26 -27.26 2.35
C PRO B 150 -12.46 -27.67 1.13
N PRO B 151 -11.96 -28.92 1.08
CA PRO B 151 -11.28 -29.37 -0.13
C PRO B 151 -12.24 -29.39 -1.31
N ASP B 152 -11.75 -29.00 -2.48
CA ASP B 152 -12.55 -28.99 -3.69
C ASP B 152 -12.09 -30.14 -4.58
N GLU B 153 -12.95 -31.13 -4.75
CA GLU B 153 -12.62 -32.31 -5.55
C GLU B 153 -12.63 -32.03 -7.05
N SER B 154 -13.15 -30.90 -7.49
CA SER B 154 -13.10 -30.53 -8.90
C SER B 154 -11.78 -29.90 -9.29
N ILE B 155 -10.92 -29.61 -8.32
CA ILE B 155 -9.67 -28.87 -8.53
C ILE B 155 -8.49 -29.81 -8.41
N ASP B 156 -7.53 -29.67 -9.34
CA ASP B 156 -6.22 -30.33 -9.30
C ASP B 156 -5.17 -29.24 -9.14
N LEU B 157 -4.45 -29.25 -8.02
CA LEU B 157 -3.39 -28.26 -7.79
C LEU B 157 -2.16 -28.45 -8.69
N TYR B 158 -2.12 -29.51 -9.51
CA TYR B 158 -0.91 -29.84 -10.24
C TYR B 158 -0.49 -28.70 -11.17
N GLN B 159 -1.45 -28.16 -11.94
CA GLN B 159 -1.12 -27.08 -12.88
C GLN B 159 -0.57 -25.87 -12.18
N VAL B 160 -1.18 -25.48 -11.05
CA VAL B 160 -0.69 -24.33 -10.28
C VAL B 160 0.74 -24.57 -9.82
N ILE B 161 1.00 -25.72 -9.22
CA ILE B 161 2.34 -25.99 -8.70
C ILE B 161 3.37 -25.94 -9.82
N HIS B 162 3.01 -26.43 -11.01
CA HIS B 162 3.92 -26.38 -12.14
C HIS B 162 4.10 -24.97 -12.71
N LYS B 163 3.22 -24.03 -12.36
CA LYS B 163 3.44 -22.63 -12.70
C LYS B 163 4.34 -21.91 -11.71
N MET B 164 4.70 -22.55 -10.60
CA MET B 164 5.55 -21.94 -9.60
C MET B 164 6.96 -22.50 -9.68
C10 JA0 C . 17.53 25.74 7.25
C13 JA0 C . 19.18 27.07 5.53
C15 JA0 C . 18.22 26.20 5.02
C01 JA0 C . 19.18 18.68 1.49
C03 JA0 C . 18.24 20.81 2.57
C04 JA0 C . 17.75 21.51 3.71
C06 JA0 C . 17.08 22.21 5.69
C08 JA0 C . 16.27 24.53 5.33
C09 JA0 C . 17.34 25.50 5.88
C11 JA0 C . 18.51 26.61 7.76
C12 JA0 C . 19.37 27.31 6.90
C16 JA0 C . 17.27 22.84 3.56
C18 JA0 C . 17.74 22.75 1.40
F19 JA0 C . 17.73 23.38 0.19
N02 JA0 C . 18.73 19.52 2.62
N05 JA0 C . 17.62 21.15 5.08
N07 JA0 C . 16.84 23.28 4.83
N17 JA0 C . 17.24 23.52 2.37
N20 JA0 C . 18.23 21.47 1.37
CL14 JA0 C . 20.23 27.94 4.39
S SO4 D . -5.21 -1.44 0.50
O1 SO4 D . -4.01 -0.94 1.19
O2 SO4 D . -5.17 -2.90 0.49
O3 SO4 D . -5.26 -0.84 -0.83
O4 SO4 D . -6.39 -0.97 1.24
S SO4 E . 9.51 20.19 18.46
O1 SO4 E . 10.28 19.28 19.34
O2 SO4 E . 9.96 21.57 18.65
O3 SO4 E . 9.72 19.81 17.06
O4 SO4 E . 8.08 20.06 18.79
S SO4 F . 19.09 30.37 -0.48
O1 SO4 F . 19.08 30.62 0.96
O2 SO4 F . 20.47 30.53 -0.98
O3 SO4 F . 18.64 29.01 -0.76
O4 SO4 F . 18.22 31.32 -1.16
S SO4 G . 28.23 6.41 9.98
O1 SO4 G . 27.91 7.76 10.43
O2 SO4 G . 29.57 6.04 10.45
O3 SO4 G . 28.22 6.37 8.51
O4 SO4 G . 27.25 5.47 10.50
C10 JA0 H . -16.93 -1.68 -6.84
C13 JA0 H . -18.69 -1.06 -8.82
C15 JA0 H . -18.43 -2.40 -8.53
C01 JA0 H . -15.85 -8.63 -13.21
C03 JA0 H . -16.57 -7.27 -11.17
C04 JA0 H . -16.24 -6.35 -10.13
C06 JA0 H . -15.32 -4.98 -8.66
C08 JA0 H . -17.19 -4.26 -7.15
C09 JA0 H . -17.52 -2.75 -7.50
C11 JA0 H . -17.21 -0.33 -7.14
C12 JA0 H . -18.11 0.01 -8.15
C16 JA0 H . -17.27 -5.92 -9.23
C18 JA0 H . -18.73 -7.15 -10.34
F19 JA0 H . -20.02 -7.54 -10.43
N02 JA0 H . -15.64 -7.71 -12.07
N05 JA0 H . -15.02 -5.75 -9.73
N07 JA0 H . -16.67 -5.04 -8.29
N17 JA0 H . -18.57 -6.29 -9.31
N20 JA0 H . -17.88 -7.66 -11.29
CL14 JA0 H . -19.85 -0.67 -10.12
S SO4 I . -20.31 -25.75 -2.23
O1 SO4 I . -19.54 -26.30 -1.12
O2 SO4 I . -19.77 -26.22 -3.52
O3 SO4 I . -20.20 -24.31 -2.22
O4 SO4 I . -21.71 -26.17 -2.13
S SO4 J . -16.07 -1.18 -3.31
O1 SO4 J . -15.51 -1.78 -2.10
O2 SO4 J . -15.01 -0.86 -4.26
O3 SO4 J . -16.99 -2.14 -3.90
O4 SO4 J . -16.80 0.04 -2.94
S SO4 K . -17.76 -32.48 2.03
O1 SO4 K . -17.79 -33.86 2.55
O2 SO4 K . -17.19 -31.61 3.05
O3 SO4 K . -19.11 -32.05 1.69
O4 SO4 K . -16.90 -32.44 0.85
S SO4 L . 0.55 -1.50 -14.56
O1 SO4 L . 1.40 -2.00 -13.47
O2 SO4 L . 0.83 -2.26 -15.77
O3 SO4 L . 0.83 -0.09 -14.82
O4 SO4 L . -0.86 -1.66 -14.19
#